data_3DZL
#
_entry.id   3DZL
#
_cell.length_a   64.74
_cell.length_b   64.74
_cell.length_c   161.03
_cell.angle_alpha   90
_cell.angle_beta   90
_cell.angle_gamma   120
#
_symmetry.space_group_name_H-M   'P 32 2 1'
#
loop_
_entity.id
_entity.type
_entity.pdbx_description
1 polymer 'Phenazine biosynthesis protein A/B'
2 non-polymer '(1R)-3-oxocyclohexanecarboxylic acid'
3 water water
#
_entity_poly.entity_id   1
_entity_poly.type   'polypeptide(L)'
_entity_poly.pdbx_seq_one_letter_code
;MGSSHHHHHHSSGLVPRGSHMSDVESLENTSENRAQVAARQHNRKIVEQYMHTRGEARLKRHLLFTEDGVGGLWTTDSGQ
PIAIRGREKLGEHAVWSLQCFPDWVWTDIQIFETQDPNWFWVECRGEGAIVFPGYPRGQYRNHFLHSFRFENGLIKEQRE
FMNPCEQFRSLGIEVPEVRRDGLPS
;
_entity_poly.pdbx_strand_id   A,B
#
loop_
_chem_comp.id
_chem_comp.type
_chem_comp.name
_chem_comp.formula
3OC non-polymer '(1R)-3-oxocyclohexanecarboxylic acid' 'C7 H10 O3'
#
# COMPACT_ATOMS: atom_id res chain seq x y z
N ASN A 29 -16.51 -4.26 29.91
CA ASN A 29 -17.54 -3.20 29.70
C ASN A 29 -17.15 -1.88 30.38
N THR A 30 -16.50 -0.99 29.64
CA THR A 30 -16.11 0.37 30.10
C THR A 30 -16.61 1.38 29.04
N SER A 31 -17.11 2.54 29.48
CA SER A 31 -17.83 3.44 28.55
C SER A 31 -16.96 4.03 27.44
N GLU A 32 -15.67 4.26 27.75
CA GLU A 32 -14.72 4.78 26.76
C GLU A 32 -14.58 3.79 25.62
N ASN A 33 -14.09 2.60 25.97
CA ASN A 33 -13.99 1.48 25.04
C ASN A 33 -15.34 1.13 24.40
N ARG A 34 -16.45 1.24 25.14
CA ARG A 34 -17.75 1.10 24.46
C ARG A 34 -17.94 2.14 23.29
N ALA A 35 -17.51 3.38 23.52
CA ALA A 35 -17.53 4.45 22.49
C ALA A 35 -16.65 4.14 21.28
N GLN A 36 -15.45 3.62 21.57
CA GLN A 36 -14.50 3.21 20.56
CA GLN A 36 -14.53 3.23 20.54
C GLN A 36 -15.02 2.03 19.76
N VAL A 37 -15.57 1.03 20.42
CA VAL A 37 -16.06 -0.12 19.68
C VAL A 37 -17.12 0.41 18.70
N ALA A 38 -17.98 1.31 19.23
CA ALA A 38 -19.08 1.85 18.42
C ALA A 38 -18.53 2.63 17.24
N ALA A 39 -17.52 3.51 17.45
CA ALA A 39 -17.01 4.34 16.39
C ALA A 39 -16.39 3.41 15.35
N ARG A 40 -15.68 2.39 15.82
CA ARG A 40 -14.98 1.50 14.87
C ARG A 40 -16.00 0.74 14.05
N GLN A 41 -17.09 0.28 14.70
CA GLN A 41 -18.11 -0.46 13.97
C GLN A 41 -18.73 0.46 12.93
N HIS A 42 -19.02 1.70 13.32
CA HIS A 42 -19.73 2.61 12.43
C HIS A 42 -18.87 2.86 11.22
N ASN A 43 -17.62 3.16 11.50
CA ASN A 43 -16.57 3.40 10.47
C ASN A 43 -16.35 2.25 9.53
N ARG A 44 -16.34 1.01 10.06
CA ARG A 44 -16.24 -0.16 9.20
C ARG A 44 -17.39 -0.21 8.19
N LYS A 45 -18.59 0.12 8.63
CA LYS A 45 -19.72 0.14 7.67
C LYS A 45 -19.51 1.10 6.54
N ILE A 46 -18.97 2.27 6.85
CA ILE A 46 -18.69 3.31 5.81
C ILE A 46 -17.61 2.81 4.85
N VAL A 47 -16.57 2.13 5.37
CA VAL A 47 -15.53 1.58 4.52
C VAL A 47 -16.13 0.50 3.55
N GLU A 48 -16.96 -0.32 4.11
CA GLU A 48 -17.71 -1.33 3.30
C GLU A 48 -18.54 -0.65 2.23
N GLN A 49 -19.27 0.37 2.61
CA GLN A 49 -20.10 1.08 1.62
CA GLN A 49 -20.11 1.09 1.64
C GLN A 49 -19.25 1.64 0.54
N TYR A 50 -18.18 2.32 0.93
CA TYR A 50 -17.25 2.88 -0.09
C TYR A 50 -16.76 1.83 -1.06
N MET A 51 -16.26 0.73 -0.52
CA MET A 51 -15.65 -0.33 -1.34
C MET A 51 -16.69 -1.03 -2.21
N HIS A 52 -17.96 -1.04 -1.80
CA HIS A 52 -19.04 -1.62 -2.61
C HIS A 52 -19.77 -0.71 -3.54
N THR A 53 -19.39 0.56 -3.57
CA THR A 53 -20.02 1.55 -4.45
C THR A 53 -19.61 1.33 -5.86
N ARG A 54 -20.59 1.20 -6.73
CA ARG A 54 -20.36 0.95 -8.17
C ARG A 54 -21.37 1.71 -9.01
N GLY A 55 -21.13 1.84 -10.31
CA GLY A 55 -22.07 2.43 -11.26
C GLY A 55 -22.48 3.80 -10.86
N GLU A 56 -23.73 4.15 -11.12
CA GLU A 56 -24.16 5.56 -10.92
C GLU A 56 -24.09 5.98 -9.48
N ALA A 57 -24.11 5.02 -8.57
CA ALA A 57 -23.89 5.29 -7.15
C ALA A 57 -22.54 5.93 -6.87
N ARG A 58 -21.56 5.80 -7.78
CA ARG A 58 -20.33 6.45 -7.62
C ARG A 58 -20.48 8.01 -7.57
N LEU A 59 -21.50 8.53 -8.21
CA LEU A 59 -21.70 9.98 -8.22
C LEU A 59 -22.06 10.54 -6.84
N LYS A 60 -22.47 9.69 -5.90
CA LYS A 60 -22.82 10.10 -4.55
C LYS A 60 -21.83 9.58 -3.47
N ARG A 61 -20.69 9.03 -3.88
CA ARG A 61 -19.72 8.44 -2.93
C ARG A 61 -19.10 9.57 -2.03
N HIS A 62 -19.01 10.79 -2.59
CA HIS A 62 -18.51 11.95 -1.87
C HIS A 62 -19.25 12.27 -0.60
N LEU A 63 -20.47 11.81 -0.55
CA LEU A 63 -21.32 12.02 0.63
C LEU A 63 -20.76 11.29 1.85
N LEU A 64 -19.90 10.31 1.62
CA LEU A 64 -19.31 9.56 2.74
C LEU A 64 -18.18 10.36 3.44
N PHE A 65 -17.80 11.50 2.83
CA PHE A 65 -16.71 12.33 3.35
C PHE A 65 -17.20 13.50 4.22
N THR A 66 -16.30 13.93 5.11
CA THR A 66 -16.47 15.25 5.78
C THR A 66 -16.51 16.38 4.76
N GLU A 67 -17.08 17.54 5.17
CA GLU A 67 -17.14 18.63 4.19
C GLU A 67 -15.78 18.98 3.58
N ASP A 68 -14.73 18.93 4.41
CA ASP A 68 -13.39 19.28 3.97
C ASP A 68 -12.54 18.05 3.67
N GLY A 69 -13.21 16.92 3.55
CA GLY A 69 -12.43 15.64 3.36
C GLY A 69 -11.67 15.62 2.10
N VAL A 70 -10.60 14.78 2.08
CA VAL A 70 -9.66 14.67 0.97
C VAL A 70 -9.65 13.25 0.51
N GLY A 71 -9.61 13.07 -0.78
CA GLY A 71 -9.47 11.73 -1.40
C GLY A 71 -8.47 11.78 -2.55
N GLY A 72 -7.96 10.65 -2.95
CA GLY A 72 -7.21 10.67 -4.23
C GLY A 72 -6.12 9.61 -4.24
N LEU A 73 -5.25 9.84 -5.20
CA LEU A 73 -4.24 8.87 -5.62
C LEU A 73 -2.91 9.30 -5.11
N TRP A 74 -2.27 8.44 -4.28
CA TRP A 74 -1.00 8.76 -3.68
C TRP A 74 0.23 8.15 -4.43
N THR A 75 0.03 7.35 -5.46
CA THR A 75 1.10 6.77 -6.19
C THR A 75 0.92 7.19 -7.64
N THR A 76 1.63 8.23 -8.01
CA THR A 76 1.46 8.78 -9.38
C THR A 76 2.80 8.79 -10.15
N ASP A 77 2.69 9.03 -11.45
CA ASP A 77 3.94 9.05 -12.24
C ASP A 77 4.75 10.28 -11.87
N SER A 78 4.08 11.34 -11.45
CA SER A 78 4.74 12.58 -11.16
C SER A 78 5.46 12.61 -9.86
N GLY A 79 5.14 11.67 -8.97
CA GLY A 79 5.67 11.60 -7.60
C GLY A 79 4.87 12.45 -6.61
N GLN A 80 3.92 13.23 -7.07
CA GLN A 80 3.04 13.97 -6.20
C GLN A 80 1.65 13.36 -6.23
N PRO A 81 0.96 13.31 -5.08
CA PRO A 81 -0.44 12.83 -5.14
C PRO A 81 -1.42 13.64 -5.99
N ILE A 82 -2.43 13.00 -6.51
CA ILE A 82 -3.52 13.71 -7.12
C ILE A 82 -4.55 13.69 -6.01
N ALA A 83 -4.60 14.78 -5.22
CA ALA A 83 -5.47 14.87 -4.03
C ALA A 83 -6.64 15.78 -4.30
N ILE A 84 -7.84 15.35 -4.03
CA ILE A 84 -9.07 16.06 -4.33
C ILE A 84 -9.63 16.54 -2.97
N ARG A 85 -9.78 17.87 -2.79
CA ARG A 85 -9.97 18.41 -1.45
C ARG A 85 -11.34 19.01 -1.36
N GLY A 86 -12.18 18.37 -0.58
CA GLY A 86 -13.51 18.82 -0.31
C GLY A 86 -14.60 18.00 -0.91
N ARG A 87 -15.70 17.89 -0.18
CA ARG A 87 -16.85 17.17 -0.68
C ARG A 87 -17.34 17.58 -2.09
N GLU A 88 -17.42 18.89 -2.39
CA GLU A 88 -17.88 19.30 -3.70
C GLU A 88 -16.94 18.90 -4.83
N LYS A 89 -15.66 19.14 -4.64
CA LYS A 89 -14.65 18.66 -5.62
C LYS A 89 -14.68 17.18 -5.81
N LEU A 90 -14.82 16.46 -4.71
CA LEU A 90 -14.92 14.99 -4.79
C LEU A 90 -16.09 14.58 -5.67
N GLY A 91 -17.21 15.29 -5.57
CA GLY A 91 -18.39 14.97 -6.33
C GLY A 91 -18.14 15.24 -7.80
N GLU A 92 -17.42 16.33 -8.07
CA GLU A 92 -16.97 16.61 -9.46
C GLU A 92 -16.06 15.58 -10.05
N HIS A 93 -15.11 15.09 -9.25
CA HIS A 93 -14.16 14.07 -9.70
C HIS A 93 -14.90 12.82 -10.07
N ALA A 94 -16.01 12.50 -9.40
CA ALA A 94 -16.76 11.33 -9.68
C ALA A 94 -17.40 11.33 -11.08
N VAL A 95 -17.82 12.52 -11.57
CA VAL A 95 -18.30 12.61 -12.94
C VAL A 95 -17.19 12.22 -13.94
N TRP A 96 -15.98 12.70 -13.65
CA TRP A 96 -14.82 12.41 -14.49
C TRP A 96 -14.53 10.94 -14.43
N SER A 97 -14.50 10.41 -13.22
CA SER A 97 -14.11 9.05 -13.04
C SER A 97 -15.08 8.10 -13.71
N LEU A 98 -16.37 8.41 -13.65
CA LEU A 98 -17.37 7.58 -14.29
CA LEU A 98 -17.38 7.57 -14.32
C LEU A 98 -17.21 7.56 -15.82
N GLN A 99 -16.75 8.67 -16.38
CA GLN A 99 -16.45 8.67 -17.82
C GLN A 99 -15.24 7.83 -18.16
N CYS A 100 -14.17 7.99 -17.38
CA CYS A 100 -12.85 7.41 -17.65
C CYS A 100 -12.77 5.91 -17.31
N PHE A 101 -13.56 5.49 -16.29
CA PHE A 101 -13.58 4.13 -15.78
C PHE A 101 -15.05 3.71 -15.65
N PRO A 102 -15.69 3.45 -16.80
CA PRO A 102 -17.13 3.43 -16.79
C PRO A 102 -17.77 2.22 -16.04
N ASP A 103 -17.03 1.20 -15.86
CA ASP A 103 -17.53 -0.09 -15.31
C ASP A 103 -16.66 -0.62 -14.14
N TRP A 104 -15.94 0.27 -13.52
CA TRP A 104 -14.94 -0.11 -12.49
C TRP A 104 -15.59 -0.88 -11.34
N VAL A 105 -14.92 -1.97 -10.98
CA VAL A 105 -15.29 -2.71 -9.77
C VAL A 105 -14.07 -3.10 -8.92
N TRP A 106 -14.27 -2.95 -7.61
CA TRP A 106 -13.29 -3.46 -6.66
C TRP A 106 -13.70 -4.89 -6.34
N THR A 107 -12.71 -5.74 -6.15
CA THR A 107 -12.95 -7.13 -5.81
C THR A 107 -11.90 -7.56 -4.80
N ASP A 108 -12.09 -8.81 -4.30
CA ASP A 108 -11.11 -9.33 -3.33
CA ASP A 108 -11.15 -9.40 -3.32
C ASP A 108 -10.84 -8.45 -2.14
N ILE A 109 -11.90 -7.81 -1.62
CA ILE A 109 -11.75 -6.75 -0.61
C ILE A 109 -11.43 -7.37 0.75
N GLN A 110 -10.35 -6.95 1.38
CA GLN A 110 -10.01 -7.32 2.70
C GLN A 110 -9.90 -6.05 3.49
N ILE A 111 -10.72 -5.91 4.52
CA ILE A 111 -10.65 -4.73 5.39
C ILE A 111 -9.95 -5.00 6.67
N PHE A 112 -9.00 -4.09 7.00
CA PHE A 112 -8.15 -4.19 8.18
C PHE A 112 -8.54 -3.05 9.12
N GLU A 113 -9.14 -3.44 10.23
CA GLU A 113 -9.28 -2.52 11.39
C GLU A 113 -7.89 -2.33 11.98
N THR A 114 -7.71 -1.24 12.73
CA THR A 114 -6.39 -0.98 13.44
C THR A 114 -6.66 -0.64 14.85
N GLN A 115 -5.60 -0.32 15.54
CA GLN A 115 -5.73 0.11 16.93
C GLN A 115 -6.40 1.48 17.07
N ASP A 116 -6.44 2.24 15.99
CA ASP A 116 -7.15 3.51 15.94
C ASP A 116 -8.55 3.27 15.36
N PRO A 117 -9.61 3.56 16.12
CA PRO A 117 -10.96 3.26 15.61
C PRO A 117 -11.30 4.10 14.42
N ASN A 118 -10.56 5.18 14.23
CA ASN A 118 -10.67 6.03 13.09
C ASN A 118 -9.71 5.78 11.95
N TRP A 119 -9.00 4.66 11.89
CA TRP A 119 -8.07 4.44 10.78
C TRP A 119 -8.23 3.01 10.35
N PHE A 120 -8.46 2.84 9.06
CA PHE A 120 -8.61 1.53 8.46
C PHE A 120 -7.71 1.47 7.22
N TRP A 121 -7.28 0.25 6.87
CA TRP A 121 -6.64 -0.08 5.61
C TRP A 121 -7.45 -1.16 4.88
N VAL A 122 -7.45 -1.07 3.59
CA VAL A 122 -8.10 -2.06 2.74
C VAL A 122 -7.12 -2.58 1.71
N GLU A 123 -6.97 -3.89 1.52
CA GLU A 123 -6.25 -4.42 0.40
C GLU A 123 -7.31 -5.00 -0.58
N CYS A 124 -7.14 -4.78 -1.91
CA CYS A 124 -8.10 -5.25 -2.84
C CYS A 124 -7.46 -5.23 -4.23
N ARG A 125 -8.26 -5.74 -5.16
CA ARG A 125 -7.99 -5.56 -6.58
C ARG A 125 -9.03 -4.62 -7.16
N GLY A 126 -8.68 -4.10 -8.34
CA GLY A 126 -9.69 -3.39 -9.09
C GLY A 126 -9.48 -3.55 -10.58
N GLU A 127 -10.58 -3.53 -11.34
CA GLU A 127 -10.48 -3.62 -12.80
C GLU A 127 -11.63 -2.98 -13.50
N GLY A 128 -11.34 -2.61 -14.71
CA GLY A 128 -12.38 -2.02 -15.58
C GLY A 128 -11.76 -1.49 -16.83
N ALA A 129 -12.66 -1.08 -17.73
CA ALA A 129 -12.22 -0.40 -18.96
C ALA A 129 -11.57 0.95 -18.52
N ILE A 130 -10.53 1.31 -19.27
CA ILE A 130 -9.90 2.63 -19.07
C ILE A 130 -10.13 3.41 -20.37
N VAL A 131 -10.71 4.61 -20.26
CA VAL A 131 -11.19 5.36 -21.43
C VAL A 131 -10.66 6.82 -21.21
N PHE A 132 -9.41 7.01 -21.53
CA PHE A 132 -8.79 8.36 -21.35
C PHE A 132 -8.72 9.07 -22.67
N PRO A 133 -8.90 10.39 -22.66
CA PRO A 133 -8.65 11.18 -23.89
C PRO A 133 -7.24 10.96 -24.47
N GLY A 134 -7.15 10.58 -25.72
CA GLY A 134 -5.88 10.51 -26.36
C GLY A 134 -5.12 9.26 -26.19
N TYR A 135 -5.77 8.27 -25.56
CA TYR A 135 -5.15 6.92 -25.47
C TYR A 135 -6.16 5.90 -25.96
N PRO A 136 -5.68 4.78 -26.56
CA PRO A 136 -6.62 3.71 -26.90
C PRO A 136 -7.35 3.19 -25.69
N ARG A 137 -8.65 2.83 -25.86
CA ARG A 137 -9.46 2.19 -24.84
CA ARG A 137 -9.39 2.22 -24.78
C ARG A 137 -8.70 0.96 -24.42
N GLY A 138 -8.62 0.73 -23.10
CA GLY A 138 -7.89 -0.38 -22.56
C GLY A 138 -8.69 -1.11 -21.49
N GLN A 139 -8.07 -2.20 -21.03
CA GLN A 139 -8.59 -2.88 -19.87
C GLN A 139 -7.53 -2.74 -18.77
N TYR A 140 -7.90 -2.02 -17.72
CA TYR A 140 -7.01 -1.69 -16.62
C TYR A 140 -7.30 -2.64 -15.39
N ARG A 141 -6.26 -3.22 -14.89
CA ARG A 141 -6.35 -4.05 -13.63
C ARG A 141 -5.20 -3.62 -12.77
N ASN A 142 -5.41 -3.50 -11.49
CA ASN A 142 -4.31 -3.20 -10.56
C ASN A 142 -4.63 -3.81 -9.16
N HIS A 143 -3.60 -3.81 -8.34
CA HIS A 143 -3.73 -4.16 -6.93
C HIS A 143 -3.60 -2.85 -6.12
N PHE A 144 -4.46 -2.69 -5.16
CA PHE A 144 -4.63 -1.47 -4.41
C PHE A 144 -4.54 -1.68 -2.91
N LEU A 145 -3.95 -0.69 -2.24
CA LEU A 145 -4.11 -0.52 -0.78
CA LEU A 145 -4.11 -0.51 -0.80
C LEU A 145 -4.80 0.84 -0.61
N HIS A 146 -5.84 0.85 0.20
CA HIS A 146 -6.45 2.09 0.52
C HIS A 146 -6.34 2.39 2.02
N SER A 147 -6.15 3.65 2.33
CA SER A 147 -6.13 4.19 3.72
C SER A 147 -7.34 5.04 3.92
N PHE A 148 -8.03 4.80 5.00
CA PHE A 148 -9.26 5.58 5.34
C PHE A 148 -9.13 6.06 6.80
N ARG A 149 -9.04 7.37 6.94
CA ARG A 149 -9.05 8.02 8.27
C ARG A 149 -10.36 8.81 8.39
N PHE A 150 -10.96 8.64 9.55
CA PHE A 150 -12.27 9.22 9.86
C PHE A 150 -12.27 10.37 10.88
N GLU A 151 -13.33 11.14 10.80
CA GLU A 151 -13.59 12.24 11.77
C GLU A 151 -15.09 12.34 11.83
N ASN A 152 -15.59 12.23 13.03
CA ASN A 152 -17.03 12.41 13.30
C ASN A 152 -17.84 11.44 12.45
N GLY A 153 -17.32 10.26 12.27
CA GLY A 153 -18.09 9.23 11.56
C GLY A 153 -18.12 9.37 10.03
N LEU A 154 -17.33 10.27 9.47
CA LEU A 154 -17.25 10.37 8.03
C LEU A 154 -15.77 10.33 7.64
N ILE A 155 -15.51 10.16 6.37
CA ILE A 155 -14.10 10.02 5.90
C ILE A 155 -13.42 11.40 5.82
N LYS A 156 -12.35 11.60 6.58
CA LYS A 156 -11.57 12.84 6.49
C LYS A 156 -10.44 12.75 5.47
N GLU A 157 -9.84 11.54 5.26
CA GLU A 157 -8.79 11.35 4.30
C GLU A 157 -8.86 9.94 3.79
N GLN A 158 -9.03 9.84 2.49
CA GLN A 158 -8.84 8.55 1.79
C GLN A 158 -7.66 8.69 0.87
N ARG A 159 -6.81 7.67 0.92
CA ARG A 159 -5.68 7.59 -0.03
C ARG A 159 -5.55 6.27 -0.67
N GLU A 160 -5.35 6.23 -2.00
CA GLU A 160 -5.08 4.93 -2.58
C GLU A 160 -3.71 4.83 -3.22
N PHE A 161 -3.17 3.63 -3.04
CA PHE A 161 -1.77 3.28 -3.43
C PHE A 161 -1.90 2.11 -4.41
N MET A 162 -1.23 2.25 -5.57
CA MET A 162 -1.24 1.18 -6.54
C MET A 162 0.09 1.19 -7.31
N ASN A 163 0.24 0.29 -8.29
CA ASN A 163 1.47 0.33 -9.12
C ASN A 163 1.20 1.08 -10.41
N PRO A 164 1.72 2.27 -10.55
CA PRO A 164 1.39 3.04 -11.82
C PRO A 164 1.77 2.35 -13.08
N CYS A 165 2.75 1.42 -13.03
CA CYS A 165 3.15 0.72 -14.22
C CYS A 165 2.03 -0.07 -14.84
N GLU A 166 1.10 -0.58 -14.04
CA GLU A 166 -0.03 -1.34 -14.58
C GLU A 166 -0.98 -0.39 -15.32
N GLN A 167 -1.10 0.85 -14.87
CA GLN A 167 -1.89 1.82 -15.62
C GLN A 167 -1.22 2.24 -16.86
N PHE A 168 0.10 2.41 -16.86
CA PHE A 168 0.79 2.63 -18.14
C PHE A 168 0.48 1.51 -19.16
N ARG A 169 0.59 0.26 -18.78
CA ARG A 169 0.32 -0.89 -19.66
C ARG A 169 -1.05 -0.82 -20.24
N SER A 170 -2.00 -0.42 -19.44
CA SER A 170 -3.39 -0.42 -19.84
C SER A 170 -3.61 0.61 -20.91
N LEU A 171 -2.80 1.65 -20.93
CA LEU A 171 -2.94 2.74 -21.94
C LEU A 171 -2.01 2.59 -23.11
N GLY A 172 -1.28 1.51 -23.11
CA GLY A 172 -0.35 1.27 -24.21
C GLY A 172 0.98 2.02 -24.08
N ILE A 173 1.27 2.56 -22.90
CA ILE A 173 2.46 3.36 -22.68
C ILE A 173 3.63 2.43 -22.32
N GLU A 174 4.75 2.59 -23.03
CA GLU A 174 5.92 1.77 -22.73
C GLU A 174 6.41 1.90 -21.32
N VAL A 175 6.69 0.78 -20.66
CA VAL A 175 7.22 0.78 -19.27
C VAL A 175 8.69 0.30 -19.34
N PRO A 176 9.62 1.10 -18.81
CA PRO A 176 10.99 0.65 -18.80
C PRO A 176 11.18 -0.57 -17.91
N GLU A 177 12.21 -1.35 -18.19
CA GLU A 177 12.51 -2.50 -17.39
C GLU A 177 13.78 -2.27 -16.57
N VAL A 178 13.67 -2.37 -15.26
CA VAL A 178 14.80 -2.18 -14.34
C VAL A 178 15.60 -3.48 -14.36
N ARG A 179 16.87 -3.40 -14.66
CA ARG A 179 17.77 -4.57 -14.48
C ARG A 179 18.39 -4.61 -13.10
N ARG A 180 18.30 -5.78 -12.48
CA ARG A 180 18.83 -6.04 -11.15
C ARG A 180 19.91 -7.16 -11.29
N ASP A 181 21.10 -6.79 -11.74
CA ASP A 181 22.22 -7.76 -11.87
C ASP A 181 22.52 -8.39 -10.47
N GLY A 182 22.79 -9.70 -10.48
CA GLY A 182 23.24 -10.35 -9.26
C GLY A 182 22.07 -10.78 -8.43
N LEU A 183 20.87 -10.34 -8.80
CA LEU A 183 19.74 -10.59 -7.93
C LEU A 183 19.64 -12.11 -7.79
N PRO A 184 19.71 -12.61 -6.56
CA PRO A 184 19.73 -14.08 -6.61
C PRO A 184 18.41 -14.72 -7.12
N SER A 185 18.53 -15.96 -7.60
CA SER A 185 17.38 -16.85 -7.77
C SER A 185 17.20 -17.62 -6.45
N GLU B 28 -13.78 -8.73 27.37
CA GLU B 28 -13.70 -9.72 28.46
C GLU B 28 -12.27 -10.29 28.67
N ASN B 29 -11.88 -10.40 29.95
CA ASN B 29 -10.61 -11.02 30.34
C ASN B 29 -10.77 -12.53 30.50
N THR B 30 -10.56 -13.22 29.37
CA THR B 30 -10.52 -14.67 29.25
C THR B 30 -9.09 -15.08 28.82
N SER B 31 -8.69 -16.32 29.10
CA SER B 31 -7.37 -16.81 28.66
C SER B 31 -7.22 -16.81 27.14
N GLU B 32 -8.32 -16.91 26.40
CA GLU B 32 -8.29 -16.87 24.93
C GLU B 32 -7.96 -15.45 24.41
N ASN B 33 -8.63 -14.44 24.98
CA ASN B 33 -8.33 -13.02 24.68
C ASN B 33 -6.91 -12.67 25.14
N ARG B 34 -6.51 -13.21 26.28
CA ARG B 34 -5.16 -12.97 26.78
C ARG B 34 -4.10 -13.54 25.83
N ALA B 35 -4.36 -14.72 25.28
CA ALA B 35 -3.42 -15.34 24.34
C ALA B 35 -3.28 -14.44 23.10
N GLN B 36 -4.41 -13.91 22.62
CA GLN B 36 -4.37 -13.03 21.43
C GLN B 36 -3.55 -11.80 21.69
N VAL B 37 -3.81 -11.17 22.81
CA VAL B 37 -3.00 -9.99 23.22
C VAL B 37 -1.52 -10.34 23.26
N ALA B 38 -1.17 -11.44 23.88
CA ALA B 38 0.24 -11.83 23.99
C ALA B 38 0.88 -11.98 22.60
N ALA B 39 0.19 -12.71 21.74
CA ALA B 39 0.62 -12.92 20.35
C ALA B 39 0.83 -11.61 19.67
N ARG B 40 -0.19 -10.73 19.75
CA ARG B 40 -0.10 -9.40 19.06
C ARG B 40 1.10 -8.60 19.58
N GLN B 41 1.35 -8.67 20.90
CA GLN B 41 2.51 -7.99 21.51
C GLN B 41 3.84 -8.53 21.09
N HIS B 42 3.96 -9.84 21.01
CA HIS B 42 5.17 -10.48 20.57
C HIS B 42 5.43 -10.14 19.08
N ASN B 43 4.39 -10.27 18.28
CA ASN B 43 4.52 -10.05 16.83
C ASN B 43 4.91 -8.61 16.57
N ARG B 44 4.31 -7.69 17.32
CA ARG B 44 4.66 -6.26 17.18
C ARG B 44 6.14 -5.98 17.42
N LYS B 45 6.69 -6.63 18.45
CA LYS B 45 8.10 -6.48 18.74
C LYS B 45 8.97 -6.89 17.52
N ILE B 46 8.59 -7.95 16.86
CA ILE B 46 9.32 -8.47 15.71
C ILE B 46 9.18 -7.44 14.56
N VAL B 47 8.00 -6.88 14.33
CA VAL B 47 7.81 -5.83 13.28
C VAL B 47 8.71 -4.68 13.59
N GLU B 48 8.73 -4.22 14.84
CA GLU B 48 9.63 -3.16 15.25
CA GLU B 48 9.63 -3.15 15.23
C GLU B 48 11.08 -3.53 14.99
N GLN B 49 11.48 -4.71 15.37
CA GLN B 49 12.83 -5.11 15.08
C GLN B 49 13.19 -5.09 13.61
N TYR B 50 12.30 -5.64 12.81
CA TYR B 50 12.44 -5.63 11.33
C TYR B 50 12.69 -4.25 10.80
N MET B 51 11.83 -3.34 11.20
CA MET B 51 11.92 -2.01 10.65
C MET B 51 13.12 -1.20 11.12
N HIS B 52 13.71 -1.57 12.23
CA HIS B 52 14.94 -0.92 12.72
C HIS B 52 16.21 -1.60 12.38
N THR B 53 16.12 -2.67 11.60
CA THR B 53 17.30 -3.44 11.23
C THR B 53 18.02 -2.70 10.11
N ARG B 54 19.26 -2.27 10.42
CA ARG B 54 20.18 -1.54 9.55
C ARG B 54 21.53 -2.13 9.49
N GLY B 55 22.30 -1.73 8.49
CA GLY B 55 23.71 -2.06 8.43
C GLY B 55 23.95 -3.54 8.38
N GLU B 56 25.00 -4.02 9.05
CA GLU B 56 25.35 -5.43 8.94
C GLU B 56 24.32 -6.32 9.58
N ALA B 57 23.46 -5.79 10.46
CA ALA B 57 22.37 -6.57 10.99
C ALA B 57 21.41 -7.09 9.92
N ARG B 58 21.37 -6.42 8.76
CA ARG B 58 20.50 -6.82 7.70
C ARG B 58 20.84 -8.23 7.25
N LEU B 59 22.08 -8.66 7.51
CA LEU B 59 22.50 -9.99 7.04
C LEU B 59 21.81 -11.12 7.88
N LYS B 60 21.24 -10.77 9.02
CA LYS B 60 20.49 -11.69 9.89
C LYS B 60 18.98 -11.47 10.01
N ARG B 61 18.42 -10.52 9.25
CA ARG B 61 17.00 -10.25 9.32
C ARG B 61 16.19 -11.46 8.92
N HIS B 62 16.75 -12.37 8.07
CA HIS B 62 16.05 -13.62 7.67
C HIS B 62 15.68 -14.49 8.80
N LEU B 63 16.38 -14.35 9.91
CA LEU B 63 16.15 -15.22 11.09
C LEU B 63 14.80 -14.90 11.78
N LEU B 64 14.20 -13.78 11.41
CA LEU B 64 12.88 -13.43 11.91
C LEU B 64 11.72 -14.16 11.19
N PHE B 65 12.06 -14.87 10.15
CA PHE B 65 11.14 -15.64 9.31
C PHE B 65 11.05 -17.14 9.69
N THR B 66 9.89 -17.72 9.40
CA THR B 66 9.70 -19.17 9.36
C THR B 66 10.67 -19.71 8.31
N GLU B 67 10.99 -20.99 8.41
CA GLU B 67 11.92 -21.62 7.49
C GLU B 67 11.43 -21.48 6.04
N ASP B 68 10.12 -21.57 5.81
CA ASP B 68 9.49 -21.44 4.52
C ASP B 68 8.91 -20.04 4.26
N GLY B 69 9.33 -19.09 5.09
CA GLY B 69 8.86 -17.68 4.94
C GLY B 69 9.19 -17.03 3.66
N VAL B 70 8.32 -16.14 3.22
CA VAL B 70 8.48 -15.43 1.95
C VAL B 70 8.56 -13.95 2.26
N GLY B 71 9.41 -13.24 1.52
CA GLY B 71 9.52 -11.79 1.63
C GLY B 71 9.66 -11.24 0.23
N GLY B 72 9.63 -9.90 0.07
CA GLY B 72 9.93 -9.32 -1.20
C GLY B 72 9.10 -8.11 -1.62
N LEU B 73 9.21 -7.76 -2.92
CA LEU B 73 8.70 -6.57 -3.46
C LEU B 73 7.49 -6.87 -4.33
N TRP B 74 6.35 -6.31 -3.98
CA TRP B 74 5.10 -6.63 -4.70
C TRP B 74 4.73 -5.62 -5.78
N THR B 75 5.50 -4.55 -5.90
CA THR B 75 5.19 -3.48 -6.86
C THR B 75 6.43 -3.34 -7.73
N THR B 76 6.41 -3.99 -8.88
CA THR B 76 7.56 -3.88 -9.74
C THR B 76 7.18 -3.38 -11.15
N ASP B 77 8.20 -3.02 -11.94
CA ASP B 77 7.86 -2.58 -13.34
C ASP B 77 7.20 -3.70 -14.15
N SER B 78 7.50 -4.95 -13.85
CA SER B 78 7.07 -6.09 -14.67
C SER B 78 5.61 -6.39 -14.34
N GLY B 79 5.17 -5.92 -13.19
CA GLY B 79 3.90 -6.24 -12.68
C GLY B 79 3.81 -7.57 -11.91
N GLN B 80 4.87 -8.35 -11.85
CA GLN B 80 4.86 -9.53 -11.04
C GLN B 80 5.75 -9.26 -9.82
N PRO B 81 5.40 -9.86 -8.70
CA PRO B 81 6.36 -9.67 -7.54
C PRO B 81 7.73 -10.24 -7.71
N ILE B 82 8.70 -9.71 -6.96
CA ILE B 82 9.96 -10.37 -6.77
C ILE B 82 9.82 -11.05 -5.40
N ALA B 83 9.47 -12.30 -5.37
CA ALA B 83 9.17 -12.97 -4.10
C ALA B 83 10.38 -13.82 -3.77
N ILE B 84 10.83 -13.76 -2.55
CA ILE B 84 12.00 -14.52 -2.15
C ILE B 84 11.49 -15.59 -1.18
N ARG B 85 11.67 -16.86 -1.52
CA ARG B 85 11.03 -17.94 -0.80
C ARG B 85 12.01 -18.77 -0.03
N GLY B 86 11.89 -18.66 1.30
CA GLY B 86 12.63 -19.50 2.19
C GLY B 86 13.59 -18.66 2.98
N ARG B 87 13.77 -19.02 4.22
CA ARG B 87 14.72 -18.37 5.12
C ARG B 87 16.14 -18.31 4.57
N GLU B 88 16.68 -19.38 4.03
CA GLU B 88 17.99 -19.32 3.36
C GLU B 88 18.10 -18.40 2.17
N LYS B 89 17.08 -18.44 1.31
CA LYS B 89 17.03 -17.49 0.19
C LYS B 89 16.98 -16.09 0.62
N LEU B 90 16.18 -15.78 1.67
CA LEU B 90 16.09 -14.44 2.20
C LEU B 90 17.47 -13.98 2.69
N GLY B 91 18.20 -14.87 3.30
CA GLY B 91 19.56 -14.48 3.73
C GLY B 91 20.53 -14.19 2.60
N GLU B 92 20.40 -14.88 1.47
CA GLU B 92 21.23 -14.58 0.32
C GLU B 92 20.82 -13.27 -0.32
N HIS B 93 19.50 -13.01 -0.32
CA HIS B 93 19.00 -11.77 -0.84
C HIS B 93 19.56 -10.59 -0.04
N ALA B 94 19.72 -10.76 1.28
CA ALA B 94 20.22 -9.71 2.14
C ALA B 94 21.63 -9.29 1.71
N VAL B 95 22.44 -10.26 1.26
CA VAL B 95 23.83 -9.92 0.82
C VAL B 95 23.72 -8.95 -0.37
N TRP B 96 22.83 -9.29 -1.33
CA TRP B 96 22.56 -8.46 -2.54
C TRP B 96 22.05 -7.08 -2.13
N SER B 97 21.14 -7.07 -1.17
CA SER B 97 20.53 -5.78 -0.79
C SER B 97 21.51 -4.83 -0.14
N LEU B 98 22.38 -5.38 0.72
CA LEU B 98 23.37 -4.56 1.34
C LEU B 98 24.40 -3.96 0.34
N GLN B 99 24.69 -4.69 -0.73
CA GLN B 99 25.49 -4.21 -1.82
C GLN B 99 24.77 -3.13 -2.55
N CYS B 100 23.49 -3.37 -2.90
CA CYS B 100 22.79 -2.38 -3.73
C CYS B 100 22.18 -1.19 -3.01
N PHE B 101 21.89 -1.38 -1.76
CA PHE B 101 21.34 -0.29 -0.89
C PHE B 101 22.20 -0.20 0.41
N PRO B 102 23.41 0.33 0.27
CA PRO B 102 24.44 0.08 1.33
C PRO B 102 24.20 0.82 2.65
N ASP B 103 23.37 1.85 2.63
CA ASP B 103 23.14 2.66 3.79
C ASP B 103 21.66 2.87 4.07
N TRP B 104 20.82 1.95 3.60
CA TRP B 104 19.37 2.13 3.69
C TRP B 104 18.82 2.32 5.07
N VAL B 105 18.01 3.36 5.22
CA VAL B 105 17.27 3.43 6.47
C VAL B 105 15.78 3.67 6.21
N TRP B 106 14.99 3.03 7.11
CA TRP B 106 13.50 3.29 7.13
C TRP B 106 13.22 4.40 8.17
N THR B 107 12.31 5.35 7.81
CA THR B 107 11.96 6.40 8.74
C THR B 107 10.44 6.66 8.67
N ASP B 108 10.04 7.49 9.59
CA ASP B 108 8.56 7.83 9.71
C ASP B 108 7.72 6.57 9.79
N ILE B 109 8.11 5.65 10.64
CA ILE B 109 7.54 4.31 10.73
C ILE B 109 6.27 4.40 11.54
N GLN B 110 5.14 3.97 10.99
CA GLN B 110 3.88 3.87 11.69
C GLN B 110 3.46 2.42 11.58
N ILE B 111 3.30 1.77 12.73
CA ILE B 111 2.85 0.36 12.77
C ILE B 111 1.35 0.30 13.03
N PHE B 112 0.64 -0.51 12.28
CA PHE B 112 -0.82 -0.73 12.40
C PHE B 112 -1.02 -2.17 12.78
N GLU B 113 -1.52 -2.39 14.00
CA GLU B 113 -2.15 -3.67 14.42
C GLU B 113 -3.42 -3.82 13.70
N THR B 114 -3.84 -5.08 13.48
CA THR B 114 -5.16 -5.35 12.88
C THR B 114 -5.95 -6.26 13.86
N GLN B 115 -7.18 -6.50 13.41
CA GLN B 115 -8.06 -7.43 14.10
C GLN B 115 -7.48 -8.83 14.13
N ASP B 116 -6.51 -9.13 13.28
CA ASP B 116 -5.85 -10.43 13.23
C ASP B 116 -4.52 -10.26 13.95
N PRO B 117 -4.31 -10.97 15.06
CA PRO B 117 -3.09 -10.76 15.84
C PRO B 117 -1.84 -11.15 15.11
N ASN B 118 -2.01 -11.90 14.02
CA ASN B 118 -0.90 -12.30 13.18
C ASN B 118 -0.72 -11.48 11.88
N TRP B 119 -1.36 -10.33 11.72
CA TRP B 119 -1.26 -9.55 10.50
C TRP B 119 -1.10 -8.10 10.92
N PHE B 120 -0.05 -7.48 10.42
CA PHE B 120 0.26 -6.09 10.70
C PHE B 120 0.54 -5.37 9.41
N TRP B 121 0.31 -4.06 9.35
CA TRP B 121 0.77 -3.21 8.28
C TRP B 121 1.66 -2.12 8.77
N VAL B 122 2.59 -1.71 7.94
CA VAL B 122 3.48 -0.56 8.29
C VAL B 122 3.48 0.44 7.17
N GLU B 123 3.27 1.72 7.50
CA GLU B 123 3.49 2.76 6.54
C GLU B 123 4.78 3.49 6.95
N CYS B 124 5.64 3.77 5.99
CA CYS B 124 6.94 4.40 6.31
C CYS B 124 7.52 5.03 5.03
N ARG B 125 8.61 5.73 5.23
CA ARG B 125 9.46 6.13 4.11
C ARG B 125 10.78 5.37 4.22
N GLY B 126 11.53 5.47 3.16
CA GLY B 126 12.89 4.92 3.12
C GLY B 126 13.77 5.83 2.29
N GLU B 127 15.05 5.90 2.63
CA GLU B 127 16.03 6.66 1.80
CA GLU B 127 16.01 6.56 1.75
C GLU B 127 17.41 6.02 1.92
N GLY B 128 18.17 6.15 0.86
CA GLY B 128 19.52 5.76 0.85
C GLY B 128 20.09 5.74 -0.54
N ALA B 129 21.38 5.45 -0.56
CA ALA B 129 22.06 5.31 -1.88
C ALA B 129 21.49 4.13 -2.58
N ILE B 130 21.41 4.22 -3.92
CA ILE B 130 21.07 3.11 -4.81
C ILE B 130 22.25 2.90 -5.78
N VAL B 131 22.67 1.64 -5.84
CA VAL B 131 23.89 1.26 -6.54
C VAL B 131 23.59 -0.02 -7.31
N PHE B 132 22.89 0.16 -8.44
CA PHE B 132 22.54 -0.93 -9.31
C PHE B 132 23.48 -0.88 -10.44
N PRO B 133 24.06 -2.05 -10.76
CA PRO B 133 24.89 -2.13 -11.90
C PRO B 133 24.16 -1.75 -13.20
N GLY B 134 24.83 -0.96 -14.04
CA GLY B 134 24.28 -0.69 -15.37
C GLY B 134 23.63 0.65 -15.21
N TYR B 135 23.65 1.20 -13.99
CA TYR B 135 23.18 2.57 -13.84
C TYR B 135 24.18 3.33 -13.03
N PRO B 136 24.15 4.68 -13.11
CA PRO B 136 24.94 5.49 -12.19
C PRO B 136 24.45 5.32 -10.74
N ARG B 137 25.32 5.59 -9.80
CA ARG B 137 24.92 5.58 -8.39
C ARG B 137 23.97 6.75 -8.17
N GLY B 138 22.91 6.52 -7.38
CA GLY B 138 21.89 7.53 -7.15
C GLY B 138 21.48 7.57 -5.67
N GLN B 139 20.57 8.51 -5.36
CA GLN B 139 19.94 8.64 -4.07
C GLN B 139 18.47 8.29 -4.33
N TYR B 140 18.02 7.32 -3.58
CA TYR B 140 16.71 6.76 -3.75
C TYR B 140 15.87 7.11 -2.52
N ARG B 141 14.70 7.66 -2.75
CA ARG B 141 13.76 7.88 -1.69
C ARG B 141 12.41 7.33 -2.18
N ASN B 142 11.62 6.71 -1.28
CA ASN B 142 10.31 6.21 -1.62
C ASN B 142 9.42 6.14 -0.39
N HIS B 143 8.14 6.04 -0.68
CA HIS B 143 7.15 5.73 0.32
C HIS B 143 6.73 4.31 0.23
N PHE B 144 6.60 3.69 1.40
CA PHE B 144 6.37 2.24 1.42
C PHE B 144 5.20 1.84 2.33
N LEU B 145 4.51 0.77 1.91
CA LEU B 145 3.62 0.04 2.77
CA LEU B 145 3.64 0.02 2.79
C LEU B 145 4.21 -1.39 2.87
N HIS B 146 4.28 -1.96 4.10
CA HIS B 146 4.71 -3.33 4.29
C HIS B 146 3.56 -4.10 4.93
N SER B 147 3.40 -5.34 4.52
CA SER B 147 2.45 -6.26 5.09
C SER B 147 3.29 -7.33 5.83
N PHE B 148 2.95 -7.68 7.05
CA PHE B 148 3.65 -8.72 7.80
C PHE B 148 2.58 -9.73 8.33
N ARG B 149 2.69 -10.96 7.89
CA ARG B 149 1.87 -12.05 8.37
C ARG B 149 2.76 -13.05 9.13
N PHE B 150 2.26 -13.49 10.28
CA PHE B 150 2.95 -14.32 11.23
C PHE B 150 2.38 -15.73 11.36
N GLU B 151 3.26 -16.63 11.76
CA GLU B 151 2.92 -18.00 12.13
C GLU B 151 3.86 -18.41 13.20
N ASN B 152 3.30 -18.85 14.33
CA ASN B 152 4.12 -19.29 15.50
C ASN B 152 5.15 -18.23 15.89
N GLY B 153 4.79 -16.96 15.84
CA GLY B 153 5.68 -15.92 16.29
C GLY B 153 6.86 -15.55 15.34
N LEU B 154 6.86 -16.10 14.13
CA LEU B 154 7.83 -15.74 13.16
C LEU B 154 7.14 -15.24 11.88
N ILE B 155 7.84 -14.47 11.06
CA ILE B 155 7.17 -13.91 9.88
C ILE B 155 7.06 -14.99 8.81
N LYS B 156 5.81 -15.28 8.39
CA LYS B 156 5.52 -16.22 7.33
C LYS B 156 5.48 -15.53 5.97
N GLU B 157 5.05 -14.28 5.91
CA GLU B 157 5.02 -13.56 4.66
C GLU B 157 5.16 -12.05 4.94
N GLN B 158 6.18 -11.49 4.35
CA GLN B 158 6.41 -10.05 4.27
C GLN B 158 6.30 -9.59 2.81
N ARG B 159 5.61 -8.47 2.61
CA ARG B 159 5.46 -7.86 1.27
C ARG B 159 5.63 -6.39 1.36
N GLU B 160 6.38 -5.76 0.43
CA GLU B 160 6.46 -4.34 0.39
CA GLU B 160 6.43 -4.35 0.43
C GLU B 160 5.89 -3.80 -0.89
N PHE B 161 5.28 -2.62 -0.76
CA PHE B 161 4.57 -1.91 -1.81
C PHE B 161 5.11 -0.50 -1.88
N MET B 162 5.64 -0.07 -3.04
CA MET B 162 6.11 1.26 -3.18
C MET B 162 5.65 1.81 -4.60
N ASN B 163 6.16 2.99 -4.96
CA ASN B 163 5.93 3.54 -6.33
C ASN B 163 7.14 3.33 -7.18
N PRO B 164 7.08 2.34 -8.06
CA PRO B 164 8.30 2.10 -8.89
C PRO B 164 8.79 3.30 -9.64
N CYS B 165 7.95 4.24 -9.93
CA CYS B 165 8.37 5.43 -10.62
C CYS B 165 9.50 6.21 -9.89
N GLU B 166 9.43 6.22 -8.55
CA GLU B 166 10.44 6.92 -7.78
C GLU B 166 11.79 6.22 -7.84
N GLN B 167 11.75 4.92 -8.00
CA GLN B 167 12.96 4.17 -8.24
C GLN B 167 13.53 4.50 -9.62
N PHE B 168 12.65 4.53 -10.62
CA PHE B 168 13.17 4.89 -11.94
C PHE B 168 13.90 6.24 -11.81
N ARG B 169 13.34 7.27 -11.16
CA ARG B 169 14.00 8.56 -11.09
C ARG B 169 15.43 8.40 -10.45
N SER B 170 15.51 7.58 -9.42
CA SER B 170 16.78 7.41 -8.67
C SER B 170 17.84 6.79 -9.57
N LEU B 171 17.43 6.08 -10.60
CA LEU B 171 18.31 5.34 -11.53
C LEU B 171 18.56 6.09 -12.83
N GLY B 172 17.99 7.29 -12.92
CA GLY B 172 18.13 8.06 -14.15
C GLY B 172 17.22 7.66 -15.28
N ILE B 173 16.31 6.72 -15.03
CA ILE B 173 15.34 6.20 -16.04
C ILE B 173 14.19 7.17 -16.24
N GLU B 174 13.93 7.54 -17.51
CA GLU B 174 12.80 8.43 -17.83
C GLU B 174 11.50 7.81 -17.37
N VAL B 175 10.70 8.60 -16.68
CA VAL B 175 9.45 8.13 -16.12
C VAL B 175 8.34 8.43 -17.17
N PRO B 176 7.60 7.40 -17.59
CA PRO B 176 6.52 7.58 -18.52
C PRO B 176 5.49 8.60 -17.89
N GLU B 177 4.82 9.36 -18.70
CA GLU B 177 3.89 10.34 -18.15
C GLU B 177 2.45 10.07 -18.69
N VAL B 178 1.44 10.08 -17.81
CA VAL B 178 0.07 9.92 -18.26
C VAL B 178 -0.53 11.31 -18.30
N ARG B 179 -1.02 11.73 -19.44
CA ARG B 179 -1.91 12.96 -19.46
C ARG B 179 -3.34 12.66 -18.98
N ARG B 180 -3.85 13.47 -18.05
CA ARG B 180 -5.22 13.29 -17.54
C ARG B 180 -6.08 14.50 -17.94
N ASP B 181 -6.52 14.42 -19.18
CA ASP B 181 -7.35 15.43 -19.79
C ASP B 181 -8.69 15.46 -19.13
N GLY B 182 -9.07 16.71 -18.84
CA GLY B 182 -10.35 17.02 -18.24
C GLY B 182 -10.40 16.68 -16.77
N LEU B 183 -9.27 16.23 -16.20
CA LEU B 183 -9.30 15.87 -14.80
C LEU B 183 -9.63 17.15 -14.08
N PRO B 184 -10.72 17.14 -13.29
CA PRO B 184 -11.10 18.41 -12.68
C PRO B 184 -10.00 19.04 -11.80
N SER B 185 -10.20 20.31 -11.44
CA SER B 185 -9.18 21.13 -10.77
C SER B 185 -9.54 21.50 -9.32
CAF 3OC C . -11.64 4.28 -9.94
CAF 3OC C . -11.61 4.29 -9.97
CAD 3OC C . -10.63 3.93 -11.01
CAD 3OC C . -10.61 3.87 -11.03
CAE 3OC C . -9.28 3.50 -10.45
CAE 3OC C . -9.26 3.50 -10.46
CAH 3OC C . -8.89 4.28 -9.23
CAH 3OC C . -8.89 4.27 -9.21
OAA 3OC C . -7.74 4.38 -8.90
OAA 3OC C . -7.73 4.39 -8.88
CAG 3OC C . -9.89 4.99 -8.35
CAG 3OC C . -9.92 4.95 -8.35
CAJ 3OC C . -11.19 5.39 -9.02
CAJ 3OC C . -11.09 5.44 -9.17
CAI 3OC C . -12.20 5.46 -7.86
CAI 3OC C . -12.20 5.95 -8.26
OAC 3OC C . -11.99 6.22 -6.95
OAC 3OC C . -13.00 6.73 -8.78
OAB 3OC C . -13.12 4.66 -7.87
OAB 3OC C . -12.22 5.58 -7.08
CAF 3OC D . -6.30 9.72 -10.98
CAD 3OC D . -7.21 10.70 -10.16
CAE 3OC D . -7.94 9.92 -9.06
CAH 3OC D . -8.73 8.71 -9.66
OAA 3OC D . -10.00 8.60 -9.62
CAG 3OC D . -7.79 7.65 -10.32
CAJ 3OC D . -7.00 8.40 -11.44
CAI 3OC D . -6.10 7.50 -12.23
OAC 3OC D . -5.66 8.05 -13.23
OAB 3OC D . -5.82 6.35 -11.77
CAF 3OC E . 16.12 -2.10 1.08
CAD 3OC E . 15.85 -1.15 -0.12
CAE 3OC E . 14.40 -0.86 -0.37
CAH 3OC E . 13.58 -1.98 -0.40
OAA 3OC E . 12.58 -1.95 -1.13
CAG 3OC E . 13.84 -3.10 0.59
CAJ 3OC E . 15.35 -3.37 0.82
CAI 3OC E . 15.53 -4.52 1.81
OAC 3OC E . 16.54 -5.26 1.65
OAB 3OC E . 14.68 -4.66 2.61
CAF 3OC F . 14.07 -5.73 -5.43
CAD 3OC F . 14.42 -7.04 -4.68
CAE 3OC F . 13.73 -6.98 -3.26
CAH 3OC F . 14.39 -5.74 -2.55
OAA 3OC F . 15.23 -5.90 -1.64
CAG 3OC F . 14.12 -4.38 -3.20
CAJ 3OC F . 14.59 -4.47 -4.74
CAI 3OC F . 14.29 -3.20 -5.49
OAC 3OC F . 14.62 -3.08 -6.67
OAB 3OC F . 13.70 -2.35 -4.91
#